data_9DBF
#
_entry.id   9DBF
#
_cell.length_a   46.060
_cell.length_b   46.110
_cell.length_c   46.160
_cell.angle_alpha   104.456
_cell.angle_beta   104.392
_cell.angle_gamma   104.334
#
_symmetry.space_group_name_H-M   'P 1'
#
loop_
_entity.id
_entity.type
_entity.pdbx_description
1 polymer 'Tet4 Variant'
2 non-polymer 'ZINC ION'
3 water water
#
_entity_poly.entity_id   1
_entity_poly.type   'polypeptide(L)'
_entity_poly.pdbx_seq_one_letter_code
;ADWEAAMLTLLMMLKVIEKADNAAQVLTALWFMALAAHMAAWATPPKLEDKSPASPEMIDFRVGFEELATEIGKAIKLAA
LGKVKEAQAAAEQLKTTVNAHWQKYRGGGGSGGGGSGGGGSGGGGSGGGGSAADWEAAMLTLLMMLKVIEKADNAAQVLT
ALWFMALAAHMAALATPPKLEDKSPASPEMIDFRVGFEELATEIGKAIKLAALGKVKEAQAAAEQLKTTVNAHWQKYRGG
GGSGGGGSGGGGSGGGGSGGGGSAADWEAAMLTLLMMLKVIEKADNAAQVLTALWFMALAAHMAALATPPKLEDKSPASP
EMIDFRVGFEELATEIGKAIKLAALGKVKEAQAAAEQLKTTVNAHWQKYRSAENLYFQ
;
_entity_poly.pdbx_strand_id   A
#
loop_
_chem_comp.id
_chem_comp.type
_chem_comp.name
_chem_comp.formula
ZN non-polymer 'ZINC ION' 'Zn 2'
#
# COMPACT_ATOMS: atom_id res chain seq x y z
N ALA A 1 4.86 -3.78 11.99
CA ALA A 1 4.65 -4.92 11.12
C ALA A 1 5.79 -5.93 11.30
N ASP A 2 6.13 -6.65 10.23
CA ASP A 2 7.24 -7.59 10.24
C ASP A 2 8.39 -7.03 9.42
N TRP A 3 9.60 -7.42 9.79
CA TRP A 3 10.78 -6.96 9.06
C TRP A 3 11.14 -7.90 7.92
N GLU A 4 11.43 -9.17 8.22
CA GLU A 4 12.10 -10.04 7.25
C GLU A 4 11.17 -10.45 6.11
N ALA A 5 9.86 -10.55 6.36
CA ALA A 5 8.93 -10.91 5.29
C ALA A 5 8.78 -9.77 4.30
N ALA A 6 8.78 -8.52 4.81
CA ALA A 6 8.87 -7.37 3.91
C ALA A 6 10.20 -7.34 3.18
N MET A 7 11.30 -7.70 3.87
CA MET A 7 12.58 -7.85 3.19
C MET A 7 12.54 -9.00 2.19
N LEU A 8 11.83 -10.08 2.53
CA LEU A 8 11.58 -11.13 1.55
C LEU A 8 10.64 -10.66 0.45
N THR A 9 9.68 -9.79 0.80
CA THR A 9 8.82 -9.21 -0.22
C THR A 9 9.61 -8.33 -1.17
N LEU A 10 10.53 -7.52 -0.64
CA LEU A 10 11.39 -6.71 -1.50
C LEU A 10 12.20 -7.58 -2.45
N LEU A 11 12.73 -8.70 -1.95
CA LEU A 11 13.50 -9.59 -2.80
C LEU A 11 12.63 -10.23 -3.87
N MET A 12 11.44 -10.70 -3.50
CA MET A 12 10.56 -11.35 -4.46
C MET A 12 10.05 -10.37 -5.50
N MET A 13 9.73 -9.15 -5.08
CA MET A 13 9.24 -8.16 -6.03
C MET A 13 10.31 -7.74 -7.03
N LEU A 14 11.58 -7.73 -6.61
CA LEU A 14 12.67 -7.48 -7.55
C LEU A 14 12.75 -8.57 -8.60
N LYS A 15 12.43 -9.81 -8.22
CA LYS A 15 12.38 -10.89 -9.19
CA LYS A 15 12.38 -10.89 -9.19
C LYS A 15 11.22 -10.72 -10.16
N VAL A 16 10.15 -10.06 -9.73
CA VAL A 16 9.03 -9.80 -10.62
C VAL A 16 9.35 -8.63 -11.56
N ILE A 17 10.15 -7.67 -11.10
CA ILE A 17 10.50 -6.53 -11.95
C ILE A 17 11.43 -6.95 -13.07
N GLU A 18 12.42 -7.81 -12.77
CA GLU A 18 13.39 -8.21 -13.77
C GLU A 18 12.75 -9.03 -14.89
N LYS A 19 11.68 -9.76 -14.59
CA LYS A 19 10.97 -10.55 -15.59
C LYS A 19 9.70 -9.87 -16.08
N ALA A 20 9.53 -8.58 -15.79
CA ALA A 20 8.38 -7.84 -16.29
C ALA A 20 8.64 -7.38 -17.72
N ASP A 21 7.56 -6.98 -18.40
CA ASP A 21 7.64 -6.54 -19.78
C ASP A 21 7.20 -5.09 -19.95
N ASN A 22 6.07 -4.70 -19.38
CA ASN A 22 5.55 -3.35 -19.53
C ASN A 22 5.94 -2.49 -18.34
N ALA A 23 5.51 -1.23 -18.37
CA ALA A 23 5.80 -0.30 -17.28
C ALA A 23 4.81 -0.44 -16.13
N ALA A 24 3.61 -0.96 -16.39
CA ALA A 24 2.62 -1.11 -15.32
C ALA A 24 3.05 -2.18 -14.32
N GLN A 25 3.57 -3.31 -14.81
CA GLN A 25 4.05 -4.36 -13.91
C GLN A 25 5.22 -3.87 -13.07
N VAL A 26 6.10 -3.06 -13.66
CA VAL A 26 7.22 -2.51 -12.90
C VAL A 26 6.74 -1.50 -11.88
N LEU A 27 5.80 -0.63 -12.27
CA LEU A 27 5.31 0.39 -11.36
C LEU A 27 4.53 -0.21 -10.20
N THR A 28 3.72 -1.23 -10.47
CA THR A 28 2.96 -1.87 -9.40
C THR A 28 3.88 -2.59 -8.42
N ALA A 29 4.85 -3.35 -8.94
CA ALA A 29 5.78 -4.06 -8.07
C ALA A 29 6.63 -3.11 -7.26
N LEU A 30 6.99 -1.96 -7.84
CA LEU A 30 7.76 -0.97 -7.09
C LEU A 30 6.93 -0.35 -5.97
N TRP A 31 5.63 -0.15 -6.21
CA TRP A 31 4.77 0.34 -5.15
C TRP A 31 4.57 -0.70 -4.06
N PHE A 32 4.49 -1.98 -4.43
CA PHE A 32 4.50 -3.04 -3.44
C PHE A 32 5.78 -3.02 -2.62
N MET A 33 6.90 -2.66 -3.25
CA MET A 33 8.14 -2.49 -2.51
C MET A 33 8.06 -1.27 -1.58
N ALA A 34 7.54 -0.16 -2.09
CA ALA A 34 7.32 1.01 -1.25
C ALA A 34 6.31 0.72 -0.15
N LEU A 35 5.33 -0.15 -0.42
CA LEU A 35 4.40 -0.58 0.61
C LEU A 35 5.12 -1.39 1.68
N ALA A 36 5.89 -2.41 1.25
CA ALA A 36 6.61 -3.24 2.21
C ALA A 36 7.61 -2.41 3.00
N ALA A 37 8.29 -1.46 2.34
CA ALA A 37 9.21 -0.59 3.06
C ALA A 37 8.49 0.35 4.00
N HIS A 38 7.24 0.70 3.70
CA HIS A 38 6.48 1.58 4.58
C HIS A 38 6.04 0.86 5.85
N MET A 39 5.62 -0.40 5.71
CA MET A 39 5.17 -1.16 6.88
C MET A 39 6.34 -1.62 7.73
N ALA A 40 7.44 -2.03 7.09
CA ALA A 40 8.61 -2.53 7.82
C ALA A 40 9.46 -1.41 8.41
N ALA A 41 9.22 -0.15 8.01
CA ALA A 41 10.00 0.95 8.57
C ALA A 41 9.79 1.06 10.08
N TRP A 42 8.58 0.76 10.54
CA TRP A 42 8.30 0.78 11.97
C TRP A 42 8.80 -0.47 12.68
N ALA A 43 9.14 -1.52 11.92
CA ALA A 43 9.51 -2.80 12.50
C ALA A 43 10.93 -2.75 13.08
N THR A 44 11.39 -3.91 13.55
CA THR A 44 12.70 -4.04 14.16
C THR A 44 13.22 -5.44 13.82
N PRO A 45 14.45 -5.55 13.31
CA PRO A 45 14.99 -6.88 12.96
C PRO A 45 15.16 -7.74 14.21
N PRO A 46 15.20 -9.06 14.04
CA PRO A 46 15.28 -9.94 15.22
C PRO A 46 16.55 -9.76 16.04
N LYS A 47 17.69 -9.55 15.37
CA LYS A 47 18.96 -9.44 16.08
C LYS A 47 19.15 -8.09 16.76
N LEU A 48 18.24 -7.14 16.56
CA LEU A 48 18.35 -5.82 17.17
C LEU A 48 17.21 -5.54 18.15
N GLU A 49 16.43 -6.55 18.52
CA GLU A 49 15.33 -6.31 19.46
C GLU A 49 15.81 -5.99 20.86
N ASP A 50 17.06 -6.32 21.19
CA ASP A 50 17.64 -6.02 22.49
C ASP A 50 18.68 -4.91 22.38
N LYS A 51 18.43 -3.92 21.54
CA LYS A 51 19.28 -2.75 21.40
C LYS A 51 18.46 -1.49 21.66
N SER A 52 19.12 -0.48 22.20
CA SER A 52 18.44 0.75 22.57
C SER A 52 17.83 1.42 21.34
N PRO A 53 16.64 2.02 21.44
CA PRO A 53 16.09 2.73 20.28
C PRO A 53 16.91 3.93 19.86
N ALA A 54 17.66 4.54 20.79
CA ALA A 54 18.56 5.63 20.47
C ALA A 54 20.00 5.15 20.30
N SER A 55 20.23 3.85 20.28
CA SER A 55 21.58 3.33 20.10
C SER A 55 22.06 3.59 18.68
N PRO A 56 23.35 3.91 18.50
CA PRO A 56 23.86 4.14 17.13
C PRO A 56 23.72 2.93 16.22
N GLU A 57 23.78 1.71 16.76
CA GLU A 57 23.59 0.53 15.93
C GLU A 57 22.14 0.41 15.46
N MET A 58 21.19 0.72 16.34
CA MET A 58 19.79 0.75 15.93
C MET A 58 19.45 1.98 15.13
N ILE A 59 20.11 3.12 15.42
CA ILE A 59 19.86 4.34 14.64
C ILE A 59 20.52 4.26 13.26
N ASP A 60 21.55 3.42 13.09
CA ASP A 60 22.08 3.18 11.77
C ASP A 60 21.10 2.37 10.93
N PHE A 61 20.30 1.51 11.58
CA PHE A 61 19.26 0.77 10.89
C PHE A 61 18.15 1.70 10.39
N ARG A 62 17.90 2.80 11.10
CA ARG A 62 16.86 3.73 10.70
C ARG A 62 17.24 4.47 9.41
N VAL A 63 18.42 5.09 9.39
CA VAL A 63 18.86 5.77 8.18
C VAL A 63 19.12 4.79 7.06
N GLY A 64 19.51 3.56 7.39
CA GLY A 64 19.70 2.55 6.36
C GLY A 64 18.41 2.23 5.63
N PHE A 65 17.28 2.27 6.34
CA PHE A 65 16.00 2.04 5.71
C PHE A 65 15.51 3.30 4.98
N GLU A 66 15.89 4.48 5.45
CA GLU A 66 15.55 5.70 4.73
C GLU A 66 16.22 5.74 3.37
N GLU A 67 17.47 5.28 3.30
CA GLU A 67 18.15 5.18 2.00
C GLU A 67 17.43 4.20 1.09
N LEU A 68 16.89 3.12 1.65
CA LEU A 68 16.17 2.14 0.83
C LEU A 68 14.84 2.69 0.35
N ALA A 69 14.09 3.35 1.23
CA ALA A 69 12.82 3.95 0.81
C ALA A 69 13.05 5.06 -0.22
N THR A 70 14.13 5.83 -0.06
CA THR A 70 14.42 6.90 -1.02
C THR A 70 14.78 6.32 -2.38
N GLU A 71 15.55 5.24 -2.41
CA GLU A 71 15.91 4.63 -3.69
C GLU A 71 14.68 4.07 -4.41
N ILE A 72 13.70 3.57 -3.67
CA ILE A 72 12.49 3.04 -4.30
C ILE A 72 11.69 4.17 -4.93
N GLY A 73 11.61 5.32 -4.26
CA GLY A 73 10.91 6.45 -4.84
C GLY A 73 11.53 6.95 -6.12
N LYS A 74 12.87 6.88 -6.20
CA LYS A 74 13.55 7.27 -7.43
C LYS A 74 13.26 6.28 -8.56
N ALA A 75 13.16 4.99 -8.23
CA ALA A 75 12.84 3.99 -9.25
C ALA A 75 11.38 4.06 -9.68
N ILE A 76 10.50 4.49 -8.78
CA ILE A 76 9.08 4.62 -9.12
C ILE A 76 8.88 5.75 -10.13
N LYS A 77 9.54 6.89 -9.91
CA LYS A 77 9.39 8.01 -10.83
C LYS A 77 9.91 7.67 -12.21
N LEU A 78 11.00 6.90 -12.29
CA LEU A 78 11.48 6.40 -13.58
C LEU A 78 10.47 5.46 -14.21
N ALA A 79 9.80 4.64 -13.41
CA ALA A 79 8.76 3.77 -13.95
C ALA A 79 7.48 4.55 -14.22
N ALA A 80 7.27 5.67 -13.53
CA ALA A 80 6.08 6.48 -13.75
C ALA A 80 6.15 7.29 -15.04
N LEU A 81 7.36 7.74 -15.43
CA LEU A 81 7.56 8.47 -16.67
C LEU A 81 7.51 7.59 -17.91
N GLY A 82 7.28 6.29 -17.75
CA GLY A 82 7.27 5.37 -18.86
C GLY A 82 8.61 4.72 -19.16
N LYS A 83 9.68 5.16 -18.53
CA LYS A 83 11.02 4.60 -18.74
C LYS A 83 11.06 3.21 -18.08
N VAL A 84 10.56 2.21 -18.81
CA VAL A 84 10.48 0.87 -18.26
C VAL A 84 11.86 0.24 -18.14
N LYS A 85 12.77 0.56 -19.08
CA LYS A 85 14.11 -0.03 -19.03
C LYS A 85 14.99 0.67 -18.01
N GLU A 86 14.97 2.01 -17.98
CA GLU A 86 15.78 2.73 -17.01
CA GLU A 86 15.78 2.73 -17.01
C GLU A 86 15.31 2.48 -15.58
N ALA A 87 14.03 2.21 -15.39
CA ALA A 87 13.54 1.85 -14.06
C ALA A 87 14.00 0.45 -13.66
N GLN A 88 13.96 -0.50 -14.61
CA GLN A 88 14.52 -1.81 -14.35
C GLN A 88 16.02 -1.73 -14.08
N ALA A 89 16.71 -0.81 -14.76
CA ALA A 89 18.10 -0.56 -14.44
C ALA A 89 18.25 0.01 -13.03
N ALA A 90 17.28 0.83 -12.60
CA ALA A 90 17.30 1.30 -11.22
C ALA A 90 16.95 0.18 -10.24
N ALA A 91 16.22 -0.83 -10.71
CA ALA A 91 15.94 -1.99 -9.88
C ALA A 91 17.18 -2.85 -9.69
N GLU A 92 18.14 -2.80 -10.63
CA GLU A 92 19.39 -3.53 -10.45
C GLU A 92 20.17 -2.95 -9.27
N GLN A 93 20.36 -1.63 -9.26
CA GLN A 93 21.05 -0.99 -8.14
C GLN A 93 20.22 -1.10 -6.86
N LEU A 94 18.90 -1.18 -6.98
CA LEU A 94 18.05 -1.36 -5.80
C LEU A 94 18.34 -2.70 -5.12
N LYS A 95 18.54 -3.74 -5.92
CA LYS A 95 18.80 -5.07 -5.34
C LYS A 95 20.11 -5.09 -4.56
N THR A 96 21.08 -4.27 -4.96
CA THR A 96 22.32 -4.18 -4.21
C THR A 96 22.08 -3.60 -2.82
N THR A 97 21.21 -2.59 -2.73
CA THR A 97 20.90 -2.00 -1.43
C THR A 97 20.04 -2.93 -0.59
N VAL A 98 19.12 -3.67 -1.23
CA VAL A 98 18.28 -4.60 -0.49
C VAL A 98 19.11 -5.76 0.05
N ASN A 99 20.01 -6.31 -0.76
CA ASN A 99 20.82 -7.44 -0.32
C ASN A 99 21.79 -7.02 0.77
N ALA A 100 22.39 -5.84 0.64
CA ALA A 100 23.33 -5.37 1.65
C ALA A 100 22.65 -5.07 2.98
N HIS A 101 21.41 -4.57 2.93
CA HIS A 101 20.69 -4.26 4.17
CA HIS A 101 20.68 -4.26 4.16
C HIS A 101 20.11 -5.50 4.81
N TRP A 102 19.62 -6.46 4.00
CA TRP A 102 19.02 -7.67 4.56
C TRP A 102 20.08 -8.54 5.23
N GLN A 103 21.21 -8.75 4.56
CA GLN A 103 22.24 -9.63 5.10
C GLN A 103 22.84 -9.09 6.39
N LYS A 104 22.76 -7.77 6.61
CA LYS A 104 23.29 -7.18 7.83
C LYS A 104 22.39 -7.40 9.04
N TYR A 105 21.14 -7.85 8.84
CA TYR A 105 20.22 -8.02 9.95
C TYR A 105 19.29 -9.22 9.77
N ARG A 106 19.72 -10.25 9.03
CA ARG A 106 18.87 -11.40 8.76
C ARG A 106 19.15 -12.56 9.71
N GLY A 107 19.70 -12.28 10.89
CA GLY A 107 19.95 -13.31 11.87
C GLY A 107 21.06 -14.27 11.49
N GLY A 108 20.77 -15.20 10.58
CA GLY A 108 21.75 -16.17 10.15
C GLY A 108 21.63 -16.55 8.68
N ALA A 133 7.95 7.67 -2.70
CA ALA A 133 7.97 8.37 -3.98
C ALA A 133 7.70 9.86 -3.81
N ASP A 134 8.23 10.68 -4.71
CA ASP A 134 8.02 12.12 -4.67
C ASP A 134 6.61 12.42 -5.17
N TRP A 135 6.31 13.70 -5.38
CA TRP A 135 4.95 14.12 -5.70
C TRP A 135 4.50 13.63 -7.07
N GLU A 136 5.14 14.11 -8.14
CA GLU A 136 4.70 13.77 -9.49
C GLU A 136 4.86 12.28 -9.80
N ALA A 137 5.67 11.56 -9.02
CA ALA A 137 5.77 10.11 -9.21
C ALA A 137 4.45 9.44 -8.90
N ALA A 138 3.75 9.91 -7.86
CA ALA A 138 2.44 9.36 -7.54
C ALA A 138 1.35 9.91 -8.44
N MET A 139 1.46 11.18 -8.84
CA MET A 139 0.48 11.76 -9.74
C MET A 139 0.49 11.07 -11.09
N LEU A 140 1.68 10.67 -11.56
CA LEU A 140 1.75 9.86 -12.78
C LEU A 140 1.22 8.46 -12.52
N THR A 141 1.37 7.93 -11.30
CA THR A 141 0.79 6.65 -10.97
C THR A 141 -0.74 6.73 -10.96
N LEU A 142 -1.29 7.82 -10.41
CA LEU A 142 -2.74 8.01 -10.44
C LEU A 142 -3.26 8.02 -11.88
N LEU A 143 -2.55 8.70 -12.79
CA LEU A 143 -2.98 8.76 -14.18
C LEU A 143 -2.91 7.39 -14.84
N MET A 144 -1.83 6.64 -14.61
CA MET A 144 -1.69 5.34 -15.24
C MET A 144 -2.70 4.34 -14.70
N MET A 145 -2.98 4.40 -13.39
CA MET A 145 -3.95 3.48 -12.81
C MET A 145 -5.35 3.74 -13.35
N LEU A 146 -5.68 5.01 -13.59
CA LEU A 146 -6.96 5.33 -14.22
C LEU A 146 -7.06 4.72 -15.61
N LYS A 147 -5.94 4.63 -16.33
CA LYS A 147 -5.93 3.96 -17.63
CA LYS A 147 -5.93 3.96 -17.63
C LYS A 147 -6.11 2.46 -17.48
N VAL A 148 -5.72 1.91 -16.33
CA VAL A 148 -5.94 0.48 -16.08
C VAL A 148 -7.38 0.23 -15.66
N ILE A 149 -8.00 1.19 -14.97
CA ILE A 149 -9.38 1.01 -14.53
C ILE A 149 -10.33 1.05 -15.72
N GLU A 150 -10.11 1.97 -16.66
CA GLU A 150 -11.02 2.09 -17.80
C GLU A 150 -10.96 0.86 -18.70
N LYS A 151 -9.81 0.18 -18.77
CA LYS A 151 -9.67 -1.02 -19.56
C LYS A 151 -9.78 -2.29 -18.72
N ALA A 152 -10.30 -2.18 -17.51
CA ALA A 152 -10.50 -3.35 -16.67
C ALA A 152 -11.82 -4.03 -17.01
N ASP A 153 -11.96 -5.28 -16.57
CA ASP A 153 -13.14 -6.08 -16.86
C ASP A 153 -13.92 -6.43 -15.60
N ASN A 154 -13.27 -7.00 -14.59
CA ASN A 154 -13.92 -7.42 -13.37
C ASN A 154 -13.82 -6.34 -12.31
N ALA A 155 -14.42 -6.62 -11.15
CA ALA A 155 -14.36 -5.68 -10.03
C ALA A 155 -13.05 -5.77 -9.25
N ALA A 156 -12.33 -6.89 -9.36
CA ALA A 156 -11.07 -7.02 -8.64
C ALA A 156 -10.00 -6.13 -9.24
N GLN A 157 -9.93 -6.07 -10.58
CA GLN A 157 -8.94 -5.20 -11.23
C GLN A 157 -9.21 -3.74 -10.92
N VAL A 158 -10.49 -3.35 -10.85
CA VAL A 158 -10.82 -1.98 -10.49
C VAL A 158 -10.50 -1.71 -9.02
N LEU A 159 -10.80 -2.68 -8.15
CA LEU A 159 -10.56 -2.49 -6.72
C LEU A 159 -9.07 -2.43 -6.42
N THR A 160 -8.26 -3.28 -7.06
CA THR A 160 -6.82 -3.27 -6.82
C THR A 160 -6.19 -1.99 -7.35
N ALA A 161 -6.57 -1.56 -8.56
CA ALA A 161 -6.01 -0.34 -9.12
C ALA A 161 -6.42 0.88 -8.32
N LEU A 162 -7.62 0.87 -7.74
CA LEU A 162 -8.05 1.98 -6.89
C LEU A 162 -7.26 2.04 -5.60
N TRP A 163 -6.85 0.88 -5.06
CA TRP A 163 -6.02 0.88 -3.87
C TRP A 163 -4.61 1.37 -4.18
N PHE A 164 -4.09 1.03 -5.36
CA PHE A 164 -2.82 1.61 -5.79
C PHE A 164 -2.93 3.12 -5.91
N MET A 165 -4.11 3.63 -6.27
CA MET A 165 -4.31 5.08 -6.26
C MET A 165 -4.34 5.62 -4.83
N ALA A 166 -5.06 4.94 -3.94
CA ALA A 166 -5.04 5.33 -2.53
C ALA A 166 -3.65 5.17 -1.94
N LEU A 167 -2.89 4.17 -2.41
CA LEU A 167 -1.52 4.00 -1.96
C LEU A 167 -0.65 5.16 -2.41
N ALA A 168 -0.73 5.51 -3.70
CA ALA A 168 0.09 6.60 -4.21
C ALA A 168 -0.24 7.91 -3.53
N ALA A 169 -1.52 8.15 -3.27
CA ALA A 169 -1.92 9.36 -2.54
C ALA A 169 -1.49 9.31 -1.08
N HIS A 170 -1.33 8.12 -0.51
CA HIS A 170 -0.94 8.02 0.89
C HIS A 170 0.55 8.29 1.08
N MET A 171 1.40 7.73 0.22
CA MET A 171 2.84 7.94 0.35
C MET A 171 3.22 9.37 -0.02
N ALA A 172 2.56 9.94 -1.03
CA ALA A 172 2.81 11.31 -1.46
C ALA A 172 1.92 12.31 -0.73
N ALA A 173 1.31 11.92 0.39
CA ALA A 173 0.46 12.84 1.13
C ALA A 173 1.26 14.00 1.71
N LEU A 174 2.36 13.70 2.39
CA LEU A 174 3.24 14.71 2.94
C LEU A 174 4.25 15.22 1.93
N ALA A 175 4.10 14.89 0.66
CA ALA A 175 5.02 15.33 -0.37
C ALA A 175 4.81 16.81 -0.68
N THR A 176 5.62 17.32 -1.61
CA THR A 176 5.56 18.71 -2.00
C THR A 176 5.88 18.80 -3.49
N PRO A 177 5.05 19.47 -4.28
CA PRO A 177 5.33 19.62 -5.71
C PRO A 177 6.56 20.47 -5.95
N PRO A 178 7.20 20.35 -7.11
CA PRO A 178 8.46 21.10 -7.32
C PRO A 178 8.28 22.60 -7.30
N LYS A 179 7.16 23.12 -7.81
CA LYS A 179 6.95 24.57 -7.86
C LYS A 179 6.51 25.16 -6.53
N LEU A 180 6.30 24.33 -5.51
CA LEU A 180 5.89 24.83 -4.19
C LEU A 180 6.91 24.51 -3.10
N GLU A 181 8.14 24.12 -3.48
CA GLU A 181 9.15 23.82 -2.46
C GLU A 181 9.65 25.07 -1.76
N ASP A 182 9.48 26.25 -2.37
CA ASP A 182 9.89 27.52 -1.77
C ASP A 182 8.68 28.33 -1.29
N LYS A 183 7.68 27.64 -0.77
CA LYS A 183 6.51 28.28 -0.19
C LYS A 183 6.35 27.84 1.26
N SER A 184 5.82 28.74 2.08
CA SER A 184 5.69 28.45 3.50
C SER A 184 4.74 27.28 3.72
N PRO A 185 5.02 26.43 4.72
CA PRO A 185 4.07 25.34 5.01
C PRO A 185 2.72 25.82 5.49
N ALA A 186 2.67 27.01 6.11
CA ALA A 186 1.42 27.62 6.53
C ALA A 186 0.91 28.62 5.50
N SER A 187 1.55 28.74 4.35
CA SER A 187 1.10 29.65 3.32
C SER A 187 -0.21 29.15 2.72
N PRO A 188 -1.16 30.05 2.43
CA PRO A 188 -2.44 29.61 1.85
C PRO A 188 -2.29 28.91 0.51
N GLU A 189 -1.24 29.20 -0.25
CA GLU A 189 -1.02 28.51 -1.50
C GLU A 189 -0.62 27.05 -1.27
N MET A 190 0.25 26.81 -0.29
CA MET A 190 0.56 25.44 0.11
C MET A 190 -0.58 24.82 0.91
N ILE A 191 -1.31 25.65 1.68
CA ILE A 191 -2.46 25.15 2.42
C ILE A 191 -3.54 24.68 1.45
N ASP A 192 -3.74 25.41 0.35
CA ASP A 192 -4.70 24.98 -0.66
C ASP A 192 -4.28 23.66 -1.30
N PHE A 193 -2.97 23.38 -1.34
CA PHE A 193 -2.50 22.10 -1.85
C PHE A 193 -2.83 20.96 -0.89
N ARG A 194 -2.87 21.24 0.41
CA ARG A 194 -3.19 20.20 1.38
C ARG A 194 -4.66 19.77 1.28
N VAL A 195 -5.58 20.73 1.32
CA VAL A 195 -7.00 20.40 1.20
C VAL A 195 -7.32 19.91 -0.19
N GLY A 196 -6.58 20.37 -1.21
CA GLY A 196 -6.80 19.86 -2.55
C GLY A 196 -6.50 18.38 -2.66
N PHE A 197 -5.48 17.91 -1.94
CA PHE A 197 -5.16 16.49 -1.93
C PHE A 197 -6.13 15.70 -1.06
N GLU A 198 -6.68 16.32 -0.02
CA GLU A 198 -7.69 15.64 0.79
C GLU A 198 -8.94 15.35 -0.03
N GLU A 199 -9.34 16.29 -0.89
CA GLU A 199 -10.45 16.03 -1.79
C GLU A 199 -10.14 14.87 -2.72
N LEU A 200 -8.88 14.73 -3.13
CA LEU A 200 -8.50 13.63 -4.01
C LEU A 200 -8.49 12.30 -3.26
N ALA A 201 -7.93 12.29 -2.05
CA ALA A 201 -7.92 11.06 -1.26
C ALA A 201 -9.33 10.65 -0.87
N THR A 202 -10.19 11.62 -0.56
CA THR A 202 -11.57 11.30 -0.19
C THR A 202 -12.35 10.77 -1.39
N GLU A 203 -12.10 11.32 -2.58
CA GLU A 203 -12.78 10.84 -3.78
C GLU A 203 -12.42 9.39 -4.07
N ILE A 204 -11.16 9.01 -3.85
CA ILE A 204 -10.74 7.64 -4.10
C ILE A 204 -11.44 6.68 -3.15
N GLY A 205 -11.60 7.08 -1.89
CA GLY A 205 -12.28 6.23 -0.93
C GLY A 205 -13.73 5.95 -1.32
N LYS A 206 -14.39 6.94 -1.91
CA LYS A 206 -15.77 6.74 -2.36
C LYS A 206 -15.81 5.77 -3.54
N ALA A 207 -14.84 5.86 -4.45
CA ALA A 207 -14.81 4.95 -5.59
C ALA A 207 -14.43 3.53 -5.18
N ILE A 208 -13.65 3.39 -4.10
CA ILE A 208 -13.28 2.06 -3.62
C ILE A 208 -14.49 1.33 -3.07
N LYS A 209 -15.33 2.05 -2.30
CA LYS A 209 -16.51 1.42 -1.72
C LYS A 209 -17.48 0.96 -2.81
N LEU A 210 -17.59 1.73 -3.90
CA LEU A 210 -18.41 1.31 -5.03
C LEU A 210 -17.83 0.06 -5.69
N ALA A 211 -16.50 -0.03 -5.78
CA ALA A 211 -15.86 -1.22 -6.32
C ALA A 211 -15.88 -2.37 -5.33
N ALA A 212 -15.91 -2.07 -4.03
CA ALA A 212 -15.95 -3.13 -3.03
C ALA A 212 -17.32 -3.80 -2.99
N LEU A 213 -18.38 -3.03 -3.20
CA LEU A 213 -19.74 -3.56 -3.21
C LEU A 213 -20.04 -4.37 -4.46
N GLY A 214 -19.10 -4.50 -5.39
CA GLY A 214 -19.32 -5.22 -6.62
C GLY A 214 -19.78 -4.37 -7.79
N LYS A 215 -20.12 -3.10 -7.55
CA LYS A 215 -20.57 -2.20 -8.62
C LYS A 215 -19.37 -1.81 -9.47
N VAL A 216 -18.99 -2.72 -10.38
CA VAL A 216 -17.81 -2.49 -11.20
C VAL A 216 -18.05 -1.37 -12.19
N LYS A 217 -19.27 -1.21 -12.69
CA LYS A 217 -19.56 -0.16 -13.66
C LYS A 217 -19.69 1.20 -12.99
N GLU A 218 -20.43 1.27 -11.88
CA GLU A 218 -20.59 2.54 -11.18
CA GLU A 218 -20.59 2.54 -11.18
C GLU A 218 -19.27 3.02 -10.59
N ALA A 219 -18.39 2.09 -10.20
CA ALA A 219 -17.07 2.49 -9.71
C ALA A 219 -16.22 3.04 -10.85
N GLN A 220 -16.27 2.40 -12.02
CA GLN A 220 -15.62 2.96 -13.19
C GLN A 220 -16.23 4.30 -13.58
N ALA A 221 -17.53 4.46 -13.37
CA ALA A 221 -18.16 5.77 -13.57
C ALA A 221 -17.61 6.78 -12.57
N ALA A 222 -17.36 6.35 -11.33
CA ALA A 222 -16.68 7.21 -10.38
C ALA A 222 -15.23 7.44 -10.75
N ALA A 223 -14.61 6.53 -11.50
CA ALA A 223 -13.26 6.74 -11.96
C ALA A 223 -13.20 7.81 -13.05
N GLU A 224 -14.30 8.00 -13.78
CA GLU A 224 -14.37 9.08 -14.76
C GLU A 224 -14.28 10.43 -14.07
N GLN A 225 -15.10 10.63 -13.02
CA GLN A 225 -15.04 11.88 -12.26
C GLN A 225 -13.74 12.00 -11.50
N LEU A 226 -13.13 10.87 -11.12
CA LEU A 226 -11.83 10.91 -10.45
C LEU A 226 -10.76 11.49 -11.35
N LYS A 227 -10.78 11.14 -12.64
CA LYS A 227 -9.76 11.63 -13.55
C LYS A 227 -9.86 13.14 -13.74
N THR A 228 -11.06 13.70 -13.60
CA THR A 228 -11.20 15.15 -13.65
C THR A 228 -10.49 15.82 -12.48
N THR A 229 -10.61 15.24 -11.29
CA THR A 229 -9.93 15.81 -10.12
C THR A 229 -8.42 15.62 -10.22
N VAL A 230 -7.98 14.47 -10.75
CA VAL A 230 -6.56 14.22 -10.89
C VAL A 230 -5.93 15.16 -11.91
N ASN A 231 -6.60 15.33 -13.05
CA ASN A 231 -6.06 16.21 -14.10
C ASN A 231 -6.03 17.66 -13.64
N ALA A 232 -7.06 18.09 -12.90
CA ALA A 232 -7.10 19.48 -12.45
C ALA A 232 -6.04 19.74 -11.39
N HIS A 233 -5.78 18.76 -10.52
CA HIS A 233 -4.79 18.95 -9.46
CA HIS A 233 -4.79 18.94 -9.47
C HIS A 233 -3.37 18.83 -10.00
N TRP A 234 -3.13 17.90 -10.92
CA TRP A 234 -1.78 17.71 -11.45
C TRP A 234 -1.34 18.90 -12.29
N GLN A 235 -2.24 19.43 -13.13
CA GLN A 235 -1.87 20.52 -14.01
C GLN A 235 -1.62 21.81 -13.22
N LYS A 236 -2.23 21.96 -12.05
CA LYS A 236 -2.02 23.15 -11.24
C LYS A 236 -0.65 23.15 -10.56
N TYR A 237 0.01 21.99 -10.48
CA TYR A 237 1.31 21.92 -9.82
C TYR A 237 2.31 21.06 -10.59
N ARG A 238 2.10 20.84 -11.90
CA ARG A 238 3.02 20.00 -12.65
C ARG A 238 4.38 20.66 -12.83
N GLY A 239 4.41 21.99 -12.83
CA GLY A 239 5.67 22.71 -13.00
C GLY A 239 6.11 22.81 -14.45
N ALA A 265 -10.25 5.12 2.03
CA ALA A 265 -11.49 4.36 2.08
C ALA A 265 -12.07 4.35 3.49
N ASP A 266 -13.40 4.30 3.58
CA ASP A 266 -14.07 4.23 4.87
C ASP A 266 -13.93 2.83 5.44
N TRP A 267 -14.66 2.54 6.52
CA TRP A 267 -14.49 1.28 7.23
C TRP A 267 -14.96 0.08 6.40
N GLU A 268 -16.27 -0.01 6.15
CA GLU A 268 -16.80 -1.18 5.46
C GLU A 268 -16.27 -1.31 4.03
N ALA A 269 -15.72 -0.24 3.47
CA ALA A 269 -15.08 -0.36 2.16
C ALA A 269 -13.87 -1.28 2.22
N ALA A 270 -12.98 -1.06 3.20
CA ALA A 270 -11.81 -1.91 3.33
C ALA A 270 -12.17 -3.29 3.86
N MET A 271 -13.22 -3.38 4.69
CA MET A 271 -13.63 -4.70 5.19
C MET A 271 -14.15 -5.58 4.07
N LEU A 272 -14.78 -4.99 3.04
CA LEU A 272 -15.20 -5.78 1.89
C LEU A 272 -14.01 -6.19 1.04
N THR A 273 -12.92 -5.41 1.05
CA THR A 273 -11.74 -5.78 0.29
C THR A 273 -11.03 -6.97 0.92
N LEU A 274 -11.04 -7.07 2.25
CA LEU A 274 -10.47 -8.23 2.91
C LEU A 274 -11.16 -9.51 2.45
N LEU A 275 -12.48 -9.53 2.51
CA LEU A 275 -13.24 -10.67 1.99
C LEU A 275 -12.96 -10.88 0.51
N MET A 276 -12.80 -9.78 -0.24
CA MET A 276 -12.47 -9.88 -1.66
C MET A 276 -11.13 -10.55 -1.87
N MET A 277 -10.10 -10.09 -1.14
CA MET A 277 -8.76 -10.65 -1.31
C MET A 277 -8.69 -12.10 -0.81
N LEU A 278 -9.43 -12.41 0.27
CA LEU A 278 -9.47 -13.79 0.75
C LEU A 278 -10.01 -14.72 -0.32
N LYS A 279 -10.98 -14.25 -1.11
CA LYS A 279 -11.47 -15.05 -2.22
CA LYS A 279 -11.47 -15.05 -2.22
C LYS A 279 -10.43 -15.18 -3.33
N VAL A 280 -9.51 -14.21 -3.42
CA VAL A 280 -8.44 -14.30 -4.41
C VAL A 280 -7.33 -15.21 -3.89
N ILE A 281 -7.09 -15.22 -2.58
CA ILE A 281 -6.05 -16.07 -2.01
C ILE A 281 -6.42 -17.54 -2.14
N GLU A 282 -7.68 -17.88 -1.87
CA GLU A 282 -8.09 -19.28 -1.92
C GLU A 282 -8.02 -19.84 -3.33
N LYS A 283 -8.21 -18.99 -4.35
CA LYS A 283 -8.13 -19.42 -5.74
C LYS A 283 -6.79 -19.04 -6.37
N ALA A 284 -5.79 -18.71 -5.56
CA ALA A 284 -4.46 -18.42 -6.08
C ALA A 284 -3.68 -19.71 -6.31
N ASP A 285 -2.61 -19.59 -7.09
CA ASP A 285 -1.78 -20.74 -7.45
C ASP A 285 -0.37 -20.64 -6.89
N ASN A 286 0.33 -19.53 -7.16
CA ASN A 286 1.70 -19.35 -6.73
C ASN A 286 1.74 -18.58 -5.41
N ALA A 287 2.97 -18.35 -4.92
CA ALA A 287 3.16 -17.59 -3.69
C ALA A 287 3.13 -16.09 -3.93
N ALA A 288 3.32 -15.64 -5.18
CA ALA A 288 3.29 -14.22 -5.46
C ALA A 288 1.87 -13.68 -5.37
N GLN A 289 0.90 -14.40 -5.95
CA GLN A 289 -0.49 -13.97 -5.88
C GLN A 289 -0.98 -13.94 -4.43
N VAL A 290 -0.53 -14.89 -3.61
CA VAL A 290 -0.89 -14.88 -2.21
C VAL A 290 -0.25 -13.71 -1.49
N LEU A 291 1.02 -13.41 -1.82
CA LEU A 291 1.72 -12.31 -1.17
C LEU A 291 1.11 -10.97 -1.54
N THR A 292 0.81 -10.75 -2.82
CA THR A 292 0.24 -9.47 -3.25
C THR A 292 -1.13 -9.24 -2.62
N ALA A 293 -1.98 -10.28 -2.61
CA ALA A 293 -3.30 -10.13 -2.01
C ALA A 293 -3.23 -9.92 -0.50
N LEU A 294 -2.25 -10.56 0.15
CA LEU A 294 -2.09 -10.35 1.59
C LEU A 294 -1.60 -8.94 1.89
N TRP A 295 -0.74 -8.38 1.03
CA TRP A 295 -0.31 -7.00 1.22
C TRP A 295 -1.47 -6.04 0.96
N PHE A 296 -2.33 -6.35 0.00
CA PHE A 296 -3.54 -5.57 -0.19
C PHE A 296 -4.44 -5.63 1.03
N MET A 297 -4.45 -6.77 1.73
CA MET A 297 -5.19 -6.84 2.99
C MET A 297 -4.52 -6.00 4.07
N ALA A 298 -3.18 -6.08 4.15
CA ALA A 298 -2.46 -5.21 5.08
C ALA A 298 -2.59 -3.74 4.68
N LEU A 299 -2.71 -3.47 3.37
CA LEU A 299 -2.96 -2.10 2.92
C LEU A 299 -4.32 -1.60 3.39
N ALA A 300 -5.36 -2.39 3.14
CA ALA A 300 -6.71 -1.98 3.50
C ALA A 300 -6.85 -1.78 5.01
N ALA A 301 -6.21 -2.66 5.79
CA ALA A 301 -6.23 -2.50 7.25
C ALA A 301 -5.47 -1.26 7.69
N HIS A 302 -4.50 -0.81 6.89
CA HIS A 302 -3.73 0.37 7.27
C HIS A 302 -4.50 1.65 7.02
N MET A 303 -5.19 1.73 5.88
CA MET A 303 -5.96 2.93 5.57
C MET A 303 -7.22 3.03 6.42
N ALA A 304 -7.82 1.90 6.78
CA ALA A 304 -9.02 1.87 7.60
C ALA A 304 -8.71 1.73 9.09
N ALA A 305 -7.45 1.91 9.49
CA ALA A 305 -7.10 1.78 10.90
C ALA A 305 -7.74 2.90 11.73
N LEU A 306 -7.64 4.14 11.25
CA LEU A 306 -8.27 5.28 11.90
C LEU A 306 -9.72 5.46 11.51
N ALA A 307 -10.29 4.53 10.75
CA ALA A 307 -11.68 4.61 10.35
C ALA A 307 -12.60 4.27 11.52
N THR A 308 -13.90 4.45 11.30
CA THR A 308 -14.91 4.20 12.31
C THR A 308 -16.11 3.55 11.64
N PRO A 309 -16.62 2.44 12.17
CA PRO A 309 -17.80 1.81 11.57
C PRO A 309 -19.02 2.69 11.71
N PRO A 310 -20.04 2.49 10.86
CA PRO A 310 -21.21 3.39 10.92
C PRO A 310 -21.96 3.33 12.24
N LYS A 311 -22.05 2.16 12.85
CA LYS A 311 -22.81 2.01 14.09
C LYS A 311 -22.05 2.49 15.32
N LEU A 312 -20.78 2.91 15.18
CA LEU A 312 -20.00 3.39 16.30
C LEU A 312 -19.58 4.85 16.13
N GLU A 313 -20.16 5.58 15.18
CA GLU A 313 -19.78 6.98 15.00
C GLU A 313 -20.28 7.86 16.13
N ASP A 314 -21.28 7.41 16.89
CA ASP A 314 -21.81 8.15 18.03
C ASP A 314 -21.37 7.52 19.35
N LYS A 315 -20.15 6.99 19.38
CA LYS A 315 -19.56 6.43 20.59
C LYS A 315 -18.27 7.16 20.90
N SER A 316 -17.97 7.28 22.20
CA SER A 316 -16.81 8.03 22.63
C SER A 316 -15.53 7.37 22.12
N PRO A 317 -14.52 8.15 21.73
CA PRO A 317 -13.25 7.53 21.31
C PRO A 317 -12.56 6.77 22.42
N ALA A 318 -12.79 7.15 23.68
CA ALA A 318 -12.26 6.43 24.83
C ALA A 318 -13.27 5.45 25.41
N SER A 319 -14.41 5.27 24.77
CA SER A 319 -15.41 4.34 25.26
C SER A 319 -14.90 2.90 25.09
N PRO A 320 -15.16 2.02 26.06
CA PRO A 320 -14.70 0.63 25.94
C PRO A 320 -15.26 -0.09 24.72
N GLU A 321 -16.43 0.30 24.24
CA GLU A 321 -16.99 -0.32 23.04
C GLU A 321 -16.17 0.06 21.81
N MET A 322 -15.81 1.35 21.69
CA MET A 322 -14.90 1.77 20.62
C MET A 322 -13.48 1.31 20.90
N ILE A 323 -13.09 1.23 22.17
CA ILE A 323 -11.77 0.72 22.52
C ILE A 323 -11.64 -0.74 22.11
N ASP A 324 -12.71 -1.53 22.32
CA ASP A 324 -12.70 -2.92 21.88
C ASP A 324 -12.57 -3.03 20.37
N PHE A 325 -13.06 -2.03 19.64
CA PHE A 325 -12.91 -2.01 18.19
C PHE A 325 -11.45 -1.75 17.79
N ARG A 326 -10.71 -0.99 18.60
CA ARG A 326 -9.31 -0.70 18.27
C ARG A 326 -8.45 -1.95 18.42
N VAL A 327 -8.52 -2.60 19.59
CA VAL A 327 -7.73 -3.81 19.80
C VAL A 327 -8.20 -4.94 18.90
N GLY A 328 -9.49 -4.94 18.54
CA GLY A 328 -9.97 -5.95 17.61
C GLY A 328 -9.34 -5.83 16.24
N PHE A 329 -9.05 -4.59 15.81
CA PHE A 329 -8.38 -4.39 14.54
C PHE A 329 -6.89 -4.67 14.64
N GLU A 330 -6.28 -4.47 15.81
CA GLU A 330 -4.88 -4.83 15.99
C GLU A 330 -4.67 -6.33 15.86
N GLU A 331 -5.61 -7.13 16.39
CA GLU A 331 -5.54 -8.57 16.21
C GLU A 331 -5.62 -8.95 14.74
N LEU A 332 -6.42 -8.21 13.98
CA LEU A 332 -6.56 -8.49 12.55
C LEU A 332 -5.30 -8.13 11.78
N ALA A 333 -4.74 -6.94 12.07
CA ALA A 333 -3.49 -6.55 11.42
C ALA A 333 -2.35 -7.47 11.81
N THR A 334 -2.35 -7.99 13.03
CA THR A 334 -1.30 -8.90 13.46
C THR A 334 -1.40 -10.24 12.75
N GLU A 335 -2.61 -10.79 12.64
CA GLU A 335 -2.78 -12.05 11.92
C GLU A 335 -2.41 -11.92 10.46
N ILE A 336 -2.66 -10.76 9.85
CA ILE A 336 -2.29 -10.55 8.46
C ILE A 336 -0.77 -10.57 8.31
N GLY A 337 -0.06 -9.92 9.22
CA GLY A 337 1.39 -9.94 9.17
C GLY A 337 1.97 -11.33 9.32
N LYS A 338 1.34 -12.15 10.16
CA LYS A 338 1.78 -13.53 10.31
C LYS A 338 1.58 -14.32 9.02
N ALA A 339 0.46 -14.11 8.34
CA ALA A 339 0.21 -14.81 7.08
C ALA A 339 1.12 -14.33 5.97
N ILE A 340 1.56 -13.06 6.05
CA ILE A 340 2.47 -12.54 5.04
C ILE A 340 3.83 -13.20 5.15
N LYS A 341 4.29 -13.46 6.39
CA LYS A 341 5.60 -14.07 6.57
C LYS A 341 5.61 -15.51 6.08
N LEU A 342 4.51 -16.25 6.29
CA LEU A 342 4.41 -17.59 5.75
C LEU A 342 4.38 -17.57 4.23
N ALA A 343 3.79 -16.53 3.63
CA ALA A 343 3.79 -16.41 2.18
C ALA A 343 5.13 -15.89 1.65
N ALA A 344 5.86 -15.12 2.46
CA ALA A 344 7.15 -14.59 2.03
C ALA A 344 8.22 -15.68 2.02
N LEU A 345 8.14 -16.63 2.95
CA LEU A 345 9.10 -17.74 3.00
C LEU A 345 8.87 -18.76 1.89
N GLY A 346 7.86 -18.56 1.04
CA GLY A 346 7.55 -19.51 -0.01
C GLY A 346 6.48 -20.53 0.35
N LYS A 347 6.09 -20.61 1.62
CA LYS A 347 5.07 -21.55 2.06
C LYS A 347 3.71 -21.07 1.56
N VAL A 348 3.42 -21.40 0.29
CA VAL A 348 2.17 -20.94 -0.32
C VAL A 348 0.97 -21.66 0.28
N LYS A 349 1.13 -22.93 0.67
CA LYS A 349 0.01 -23.68 1.22
C LYS A 349 -0.23 -23.33 2.69
N GLU A 350 0.83 -23.23 3.49
CA GLU A 350 0.66 -22.88 4.89
CA GLU A 350 0.66 -22.88 4.89
C GLU A 350 0.15 -21.46 5.05
N ALA A 351 0.50 -20.56 4.12
CA ALA A 351 -0.04 -19.21 4.17
C ALA A 351 -1.53 -19.20 3.82
N GLN A 352 -1.92 -19.95 2.78
CA GLN A 352 -3.33 -20.12 2.49
C GLN A 352 -4.07 -20.78 3.65
N ALA A 353 -3.40 -21.68 4.37
CA ALA A 353 -3.99 -22.24 5.58
C ALA A 353 -4.14 -21.16 6.65
N ALA A 354 -3.19 -20.23 6.72
CA ALA A 354 -3.35 -19.09 7.61
C ALA A 354 -4.43 -18.14 7.11
N ALA A 355 -4.70 -18.13 5.81
CA ALA A 355 -5.78 -17.32 5.27
C ALA A 355 -7.14 -17.89 5.66
N GLU A 356 -7.22 -19.21 5.89
CA GLU A 356 -8.46 -19.80 6.36
C GLU A 356 -8.82 -19.27 7.74
N GLN A 357 -7.85 -19.28 8.66
CA GLN A 357 -8.10 -18.72 9.99
C GLN A 357 -8.26 -17.21 9.94
N LEU A 358 -7.65 -16.55 8.96
CA LEU A 358 -7.83 -15.11 8.80
C LEU A 358 -9.28 -14.77 8.46
N LYS A 359 -9.93 -15.61 7.64
CA LYS A 359 -11.31 -15.35 7.28
C LYS A 359 -12.24 -15.46 8.47
N THR A 360 -11.90 -16.31 9.45
CA THR A 360 -12.70 -16.39 10.67
C THR A 360 -12.64 -15.10 11.46
N THR A 361 -11.45 -14.48 11.53
CA THR A 361 -11.32 -13.21 12.24
C THR A 361 -11.99 -12.08 11.47
N VAL A 362 -11.89 -12.11 10.14
CA VAL A 362 -12.50 -11.06 9.32
C VAL A 362 -14.03 -11.15 9.41
N ASN A 363 -14.58 -12.36 9.34
CA ASN A 363 -16.02 -12.51 9.39
C ASN A 363 -16.57 -12.13 10.77
N ALA A 364 -15.85 -12.49 11.84
CA ALA A 364 -16.31 -12.18 13.18
C ALA A 364 -16.23 -10.68 13.47
N HIS A 365 -15.23 -10.00 12.91
CA HIS A 365 -15.09 -8.57 13.14
CA HIS A 365 -15.09 -8.56 13.13
C HIS A 365 -16.06 -7.76 12.29
N TRP A 366 -16.27 -8.16 11.03
CA TRP A 366 -17.17 -7.41 10.17
C TRP A 366 -18.62 -7.56 10.62
N GLN A 367 -19.01 -8.76 11.04
CA GLN A 367 -20.39 -8.98 11.49
C GLN A 367 -20.72 -8.14 12.71
N LYS A 368 -19.72 -7.89 13.57
CA LYS A 368 -19.96 -7.15 14.80
C LYS A 368 -20.16 -5.66 14.57
N TYR A 369 -19.79 -5.15 13.39
CA TYR A 369 -19.87 -3.71 13.14
C TYR A 369 -20.44 -3.34 11.78
N ARG A 370 -21.06 -4.27 11.06
CA ARG A 370 -21.64 -3.92 9.76
C ARG A 370 -23.07 -3.44 9.92
ZN ZN B . 0.92 5.14 6.60
#